data_6VBF
#
_entry.id   6VBF
#
_cell.length_a   51.819
_cell.length_b   51.819
_cell.length_c   194.504
_cell.angle_alpha   90.000
_cell.angle_beta   90.000
_cell.angle_gamma   120.000
#
_symmetry.space_group_name_H-M   'P 65'
#
loop_
_entity.id
_entity.type
_entity.pdbx_description
1 polymer 'Two-component regulatory system response regulator'
2 non-polymer 'CALCIUM ION'
3 non-polymer 'CHLORIDE ION'
4 water water
#
_entity_poly.entity_id   1
_entity_poly.type   'polypeptide(L)'
_entity_poly.pdbx_seq_one_letter_code
;SNAQEEKLPKILIVEDDERLARLTQEYLIRNGLEVGVETDGNRAIRRIISEQPDLVVLDV(MSE)LPGADGLTVCREVRP
HYHQPIL(MSE)LTARTED(MSE)DQVLGLE(MSE)GADDYVAKPVQPRVLLARIRALLRRT
;
_entity_poly.pdbx_strand_id   A,B
#
loop_
_chem_comp.id
_chem_comp.type
_chem_comp.name
_chem_comp.formula
CA non-polymer 'CALCIUM ION' 'Ca 2'
CL non-polymer 'CHLORIDE ION' 'Cl -1'
#
# COMPACT_ATOMS: atom_id res chain seq x y z
N LYS A 7 -13.27 6.14 -21.16
CA LYS A 7 -13.25 4.87 -20.37
C LYS A 7 -12.04 4.92 -19.41
N LEU A 8 -11.75 6.12 -18.90
CA LEU A 8 -10.62 6.38 -17.95
C LEU A 8 -10.87 5.64 -16.64
N PRO A 9 -9.85 5.41 -15.78
CA PRO A 9 -10.09 4.81 -14.47
C PRO A 9 -10.99 5.75 -13.65
N LYS A 10 -12.05 5.22 -13.01
CA LYS A 10 -13.01 6.03 -12.21
C LYS A 10 -12.64 5.97 -10.73
N ILE A 11 -12.37 7.14 -10.17
CA ILE A 11 -11.98 7.29 -8.73
C ILE A 11 -13.11 8.00 -7.97
N LEU A 12 -13.40 7.53 -6.76
CA LEU A 12 -14.35 8.24 -5.89
C LEU A 12 -13.53 8.72 -4.68
N ILE A 13 -13.50 10.02 -4.47
CA ILE A 13 -12.82 10.61 -3.28
C ILE A 13 -13.91 10.79 -2.22
N VAL A 14 -13.77 10.11 -1.10
CA VAL A 14 -14.74 10.24 0.02
C VAL A 14 -13.99 11.01 1.11
N GLU A 15 -14.29 12.29 1.19
CA GLU A 15 -13.58 13.27 2.06
C GLU A 15 -14.56 14.36 2.47
N ASP A 16 -14.73 14.59 3.77
CA ASP A 16 -15.69 15.63 4.21
C ASP A 16 -14.99 17.00 4.18
N ASP A 17 -13.64 17.01 4.11
CA ASP A 17 -12.90 18.29 3.94
C ASP A 17 -13.08 18.68 2.46
N GLU A 18 -14.18 19.37 2.15
CA GLU A 18 -14.55 19.71 0.74
C GLU A 18 -13.38 20.39 0.02
N ARG A 19 -12.63 21.26 0.70
CA ARG A 19 -11.52 22.03 0.09
C ARG A 19 -10.43 21.09 -0.45
N LEU A 20 -9.88 20.24 0.42
CA LEU A 20 -8.83 19.26 0.03
C LEU A 20 -9.39 18.34 -1.07
N ALA A 21 -10.61 17.87 -0.89
CA ALA A 21 -11.24 16.94 -1.87
C ALA A 21 -11.24 17.56 -3.26
N ARG A 22 -11.60 18.83 -3.37
CA ARG A 22 -11.70 19.48 -4.71
C ARG A 22 -10.29 19.74 -5.25
N LEU A 23 -9.33 20.13 -4.42
CA LEU A 23 -7.94 20.33 -4.92
C LEU A 23 -7.39 19.00 -5.44
N THR A 24 -7.60 17.93 -4.69
CA THR A 24 -7.14 16.58 -5.09
C THR A 24 -7.86 16.16 -6.39
N GLN A 25 -9.17 16.37 -6.44
CA GLN A 25 -9.99 16.02 -7.62
C GLN A 25 -9.39 16.69 -8.87
N GLU A 26 -9.15 18.01 -8.78
N GLU A 26 -9.15 18.00 -8.80
CA GLU A 26 -8.61 18.84 -9.89
CA GLU A 26 -8.63 18.78 -9.96
C GLU A 26 -7.28 18.24 -10.38
C GLU A 26 -7.28 18.22 -10.41
N TYR A 27 -6.39 17.93 -9.44
CA TYR A 27 -5.05 17.38 -9.77
C TYR A 27 -5.18 16.02 -10.48
N LEU A 28 -6.04 15.14 -9.96
CA LEU A 28 -6.17 13.78 -10.54
C LEU A 28 -6.84 13.84 -11.91
N ILE A 29 -7.85 14.69 -12.09
CA ILE A 29 -8.50 14.85 -13.42
C ILE A 29 -7.44 15.34 -14.44
N ARG A 30 -6.62 16.31 -14.03
CA ARG A 30 -5.56 16.90 -14.92
C ARG A 30 -4.54 15.80 -15.26
N ASN A 31 -4.53 14.72 -14.48
CA ASN A 31 -3.57 13.60 -14.67
C ASN A 31 -4.24 12.36 -15.27
N GLY A 32 -5.41 12.51 -15.92
CA GLY A 32 -6.00 11.42 -16.72
C GLY A 32 -6.95 10.49 -15.99
N LEU A 33 -7.54 10.94 -14.88
CA LEU A 33 -8.51 10.09 -14.15
C LEU A 33 -9.89 10.77 -14.17
N GLU A 34 -10.95 9.98 -14.10
CA GLU A 34 -12.34 10.51 -13.93
C GLU A 34 -12.55 10.52 -12.42
N VAL A 35 -12.90 11.66 -11.84
CA VAL A 35 -12.96 11.72 -10.34
C VAL A 35 -14.26 12.34 -9.84
N GLY A 36 -14.89 11.65 -8.91
CA GLY A 36 -16.10 12.13 -8.21
C GLY A 36 -15.76 12.36 -6.75
N VAL A 37 -16.57 13.16 -6.06
CA VAL A 37 -16.34 13.50 -4.63
C VAL A 37 -17.62 13.20 -3.85
N GLU A 38 -17.47 12.57 -2.68
CA GLU A 38 -18.59 12.29 -1.75
C GLU A 38 -18.12 12.76 -0.37
N THR A 39 -19.01 13.39 0.42
CA THR A 39 -18.61 13.93 1.75
C THR A 39 -19.30 13.17 2.88
N ASP A 40 -20.30 12.33 2.57
CA ASP A 40 -21.04 11.61 3.64
C ASP A 40 -20.78 10.11 3.57
N GLY A 41 -20.50 9.51 4.73
CA GLY A 41 -20.21 8.06 4.80
C GLY A 41 -21.38 7.18 4.40
N ASN A 42 -22.61 7.52 4.80
CA ASN A 42 -23.79 6.68 4.45
C ASN A 42 -24.02 6.78 2.93
N ARG A 43 -23.90 7.98 2.37
CA ARG A 43 -24.05 8.14 0.90
C ARG A 43 -22.90 7.44 0.18
N ALA A 44 -21.70 7.42 0.77
CA ALA A 44 -20.54 6.76 0.11
C ALA A 44 -20.81 5.26 0.00
N ILE A 45 -21.40 4.65 1.04
CA ILE A 45 -21.70 3.18 0.98
C ILE A 45 -22.60 2.88 -0.23
N ARG A 46 -23.74 3.58 -0.33
N ARG A 46 -23.74 3.58 -0.34
CA ARG A 46 -24.69 3.33 -1.45
CA ARG A 46 -24.69 3.31 -1.45
C ARG A 46 -24.03 3.64 -2.79
C ARG A 46 -24.05 3.65 -2.80
N ARG A 47 -23.29 4.75 -2.86
CA ARG A 47 -22.65 5.19 -4.14
C ARG A 47 -21.52 4.24 -4.55
N ILE A 48 -20.73 3.77 -3.60
CA ILE A 48 -19.64 2.81 -3.97
C ILE A 48 -20.27 1.53 -4.53
N ILE A 49 -21.28 0.98 -3.85
CA ILE A 49 -21.92 -0.28 -4.31
C ILE A 49 -22.61 -0.10 -5.66
N SER A 50 -23.33 1.00 -5.88
CA SER A 50 -24.09 1.15 -7.15
C SER A 50 -23.20 1.62 -8.32
N GLU A 51 -22.26 2.54 -8.07
CA GLU A 51 -21.44 3.12 -9.17
C GLU A 51 -20.17 2.29 -9.43
N GLN A 52 -19.78 1.44 -8.48
CA GLN A 52 -18.61 0.54 -8.65
C GLN A 52 -17.41 1.29 -9.24
N PRO A 53 -16.87 2.32 -8.56
CA PRO A 53 -15.66 3.00 -9.03
C PRO A 53 -14.45 2.04 -9.08
N ASP A 54 -13.44 2.38 -9.88
CA ASP A 54 -12.23 1.51 -10.02
C ASP A 54 -11.39 1.56 -8.73
N LEU A 55 -11.52 2.64 -7.96
CA LEU A 55 -10.76 2.78 -6.70
C LEU A 55 -11.44 3.88 -5.86
N VAL A 56 -11.37 3.72 -4.55
CA VAL A 56 -11.94 4.70 -3.59
C VAL A 56 -10.80 5.23 -2.71
N VAL A 57 -10.73 6.55 -2.61
CA VAL A 57 -9.83 7.24 -1.64
C VAL A 57 -10.76 7.55 -0.47
N LEU A 58 -10.52 6.93 0.69
CA LEU A 58 -11.48 6.98 1.83
C LEU A 58 -10.90 7.59 3.10
N ASP A 59 -11.49 8.72 3.51
CA ASP A 59 -11.14 9.42 4.78
C ASP A 59 -11.67 8.55 5.92
N VAL A 60 -10.93 8.45 7.02
CA VAL A 60 -11.34 7.58 8.15
C VAL A 60 -12.46 8.25 8.94
N MSE A 61 -12.49 9.59 8.93
CA MSE A 61 -13.44 10.38 9.69
C MSE A 61 -14.41 11.12 8.77
O MSE A 61 -14.01 12.09 8.11
CB MSE A 61 -12.66 11.37 10.53
CG MSE A 61 -11.70 10.73 11.50
SE MSE A 61 -12.55 10.84 13.25
CE MSE A 61 -12.83 12.77 13.49
N LEU A 62 -15.69 10.72 8.80
CA LEU A 62 -16.71 11.29 7.94
C LEU A 62 -18.02 11.52 8.69
N PRO A 63 -18.84 12.53 8.28
CA PRO A 63 -20.17 12.69 8.86
C PRO A 63 -20.89 11.37 8.52
N GLY A 64 -21.80 10.94 9.38
CA GLY A 64 -22.42 9.63 9.11
C GLY A 64 -21.38 8.54 9.32
N ALA A 65 -21.43 7.50 8.50
CA ALA A 65 -20.59 6.30 8.70
C ALA A 65 -19.09 6.64 8.64
N ASP A 66 -18.37 6.11 9.64
CA ASP A 66 -16.89 6.25 9.75
C ASP A 66 -16.25 5.41 8.63
N GLY A 67 -14.97 5.66 8.32
CA GLY A 67 -14.29 4.91 7.24
C GLY A 67 -14.27 3.42 7.49
N LEU A 68 -14.11 2.98 8.74
CA LEU A 68 -14.10 1.53 8.99
C LEU A 68 -15.48 0.95 8.67
N THR A 69 -16.55 1.68 9.02
CA THR A 69 -17.92 1.22 8.70
C THR A 69 -18.10 1.18 7.18
N VAL A 70 -17.60 2.19 6.47
CA VAL A 70 -17.75 2.17 4.97
C VAL A 70 -17.09 0.90 4.42
N CYS A 71 -15.86 0.61 4.85
N CYS A 71 -15.88 0.63 4.91
CA CYS A 71 -15.17 -0.63 4.38
CA CYS A 71 -15.10 -0.55 4.44
C CYS A 71 -16.01 -1.86 4.70
C CYS A 71 -15.85 -1.86 4.75
N ARG A 72 -16.39 -1.99 5.96
CA ARG A 72 -17.14 -3.19 6.40
C ARG A 72 -18.41 -3.39 5.56
N GLU A 73 -19.13 -2.31 5.23
CA GLU A 73 -20.42 -2.42 4.52
C GLU A 73 -20.24 -2.58 3.00
N VAL A 74 -19.20 -2.00 2.41
CA VAL A 74 -19.06 -2.13 0.93
C VAL A 74 -18.33 -3.42 0.53
N ARG A 75 -17.43 -3.92 1.39
CA ARG A 75 -16.57 -5.07 0.99
C ARG A 75 -17.35 -6.31 0.52
N PRO A 76 -18.54 -6.65 1.04
CA PRO A 76 -19.26 -7.80 0.51
C PRO A 76 -19.74 -7.60 -0.95
N HIS A 77 -19.84 -6.35 -1.40
CA HIS A 77 -20.42 -6.02 -2.73
C HIS A 77 -19.44 -5.22 -3.60
N TYR A 78 -18.27 -4.89 -3.06
CA TYR A 78 -17.29 -4.04 -3.77
C TYR A 78 -15.91 -4.63 -3.54
N HIS A 79 -15.21 -4.97 -4.62
CA HIS A 79 -13.93 -5.71 -4.48
C HIS A 79 -12.75 -4.95 -5.08
N GLN A 80 -12.94 -3.67 -5.40
CA GLN A 80 -11.84 -2.86 -6.01
C GLN A 80 -11.03 -2.22 -4.89
N PRO A 81 -9.85 -1.65 -5.18
CA PRO A 81 -9.00 -1.11 -4.12
C PRO A 81 -9.57 0.09 -3.34
N ILE A 82 -9.29 0.10 -2.04
CA ILE A 82 -9.65 1.21 -1.12
C ILE A 82 -8.35 1.74 -0.51
N LEU A 83 -8.08 3.03 -0.75
CA LEU A 83 -6.90 3.74 -0.19
C LEU A 83 -7.43 4.64 0.92
N MSE A 84 -7.08 4.30 2.17
CA MSE A 84 -7.59 5.09 3.29
C MSE A 84 -6.62 6.22 3.63
O MSE A 84 -5.39 6.05 3.53
CB MSE A 84 -7.84 4.17 4.49
CG MSE A 84 -8.94 3.16 4.26
SE MSE A 84 -9.68 2.43 5.94
CE MSE A 84 -10.79 3.96 6.45
N LEU A 85 -7.20 7.36 4.02
CA LEU A 85 -6.46 8.55 4.43
C LEU A 85 -6.86 8.95 5.87
N THR A 86 -5.92 9.49 6.63
CA THR A 86 -6.21 9.97 8.01
C THR A 86 -5.54 11.33 8.22
N ALA A 87 -6.26 12.26 8.87
CA ALA A 87 -5.73 13.63 9.14
C ALA A 87 -5.06 13.65 10.52
N ARG A 88 -5.06 12.51 11.20
CA ARG A 88 -4.40 12.42 12.54
C ARG A 88 -4.17 10.95 12.85
N THR A 89 -2.92 10.51 12.81
CA THR A 89 -2.59 9.10 13.12
C THR A 89 -2.98 8.80 14.57
N GLU A 90 -3.80 7.77 14.75
CA GLU A 90 -4.23 7.26 16.08
C GLU A 90 -3.62 5.86 16.23
N ASP A 91 -3.35 5.43 17.46
N ASP A 91 -3.35 5.43 17.46
CA ASP A 91 -2.76 4.09 17.72
CA ASP A 91 -2.76 4.09 17.72
C ASP A 91 -3.65 3.01 17.12
C ASP A 91 -3.65 3.01 17.12
N MSE A 92 -3.03 2.03 16.46
CA MSE A 92 -3.70 0.88 15.86
C MSE A 92 -4.47 1.20 14.57
O MSE A 92 -4.97 0.27 13.95
CB MSE A 92 -4.75 0.25 16.79
CG MSE A 92 -4.28 -0.10 18.18
SE MSE A 92 -5.79 -0.90 19.19
CE MSE A 92 -5.66 -0.32 21.06
N ASP A 93 -4.50 2.45 14.14
CA ASP A 93 -5.38 2.83 13.03
C ASP A 93 -5.02 2.06 11.74
N GLN A 94 -3.74 2.00 11.38
CA GLN A 94 -3.34 1.33 10.10
C GLN A 94 -3.72 -0.14 10.11
N VAL A 95 -3.40 -0.86 11.19
CA VAL A 95 -3.73 -2.32 11.24
C VAL A 95 -5.24 -2.53 11.07
N LEU A 96 -6.05 -1.75 11.79
CA LEU A 96 -7.53 -1.93 11.70
C LEU A 96 -8.01 -1.72 10.26
N GLY A 97 -7.61 -0.62 9.62
CA GLY A 97 -8.08 -0.35 8.25
C GLY A 97 -7.65 -1.44 7.29
N LEU A 98 -6.36 -1.83 7.33
CA LEU A 98 -5.86 -2.88 6.42
C LEU A 98 -6.60 -4.19 6.74
N GLU A 99 -6.75 -4.55 8.01
CA GLU A 99 -7.45 -5.82 8.35
C GLU A 99 -8.94 -5.76 7.97
N MSE A 100 -9.53 -4.57 7.93
CA MSE A 100 -10.94 -4.40 7.57
C MSE A 100 -11.14 -4.50 6.05
O MSE A 100 -12.27 -4.50 5.56
CB MSE A 100 -11.42 -3.03 8.06
CG MSE A 100 -11.43 -2.88 9.56
SE MSE A 100 -12.95 -3.86 10.23
CE MSE A 100 -14.41 -3.56 9.06
N GLY A 101 -10.04 -4.54 5.28
CA GLY A 101 -10.18 -4.70 3.84
C GLY A 101 -9.62 -3.54 3.03
N ALA A 102 -9.06 -2.52 3.68
CA ALA A 102 -8.43 -1.44 2.91
C ALA A 102 -7.15 -2.00 2.28
N ASP A 103 -6.64 -1.33 1.27
CA ASP A 103 -5.46 -1.82 0.53
C ASP A 103 -4.25 -0.95 0.85
N ASP A 104 -4.49 0.24 1.39
CA ASP A 104 -3.39 1.15 1.78
C ASP A 104 -3.96 2.08 2.84
N TYR A 105 -3.09 2.77 3.57
CA TYR A 105 -3.45 3.66 4.68
C TYR A 105 -2.37 4.74 4.72
N VAL A 106 -2.76 5.97 4.44
CA VAL A 106 -1.77 7.07 4.28
C VAL A 106 -2.13 8.22 5.21
N ALA A 107 -1.12 8.82 5.85
CA ALA A 107 -1.37 9.98 6.73
C ALA A 107 -1.31 11.27 5.89
N LYS A 108 -2.30 12.15 6.07
CA LYS A 108 -2.26 13.48 5.40
C LYS A 108 -1.26 14.34 6.16
N PRO A 109 -0.63 15.36 5.54
CA PRO A 109 -0.87 15.70 4.14
C PRO A 109 -0.07 14.82 3.17
N VAL A 110 -0.71 14.41 2.07
CA VAL A 110 0.01 13.59 1.05
C VAL A 110 0.26 14.46 -0.18
N GLN A 111 1.50 14.47 -0.68
CA GLN A 111 1.77 15.27 -1.91
C GLN A 111 0.92 14.67 -3.03
N PRO A 112 0.21 15.51 -3.82
CA PRO A 112 -0.64 15.01 -4.90
C PRO A 112 0.04 14.00 -5.83
N ARG A 113 1.31 14.21 -6.14
CA ARG A 113 2.03 13.28 -7.06
C ARG A 113 2.20 11.91 -6.41
N VAL A 114 2.36 11.91 -5.08
CA VAL A 114 2.52 10.64 -4.32
C VAL A 114 1.18 9.92 -4.32
N LEU A 115 0.09 10.67 -4.13
CA LEU A 115 -1.24 10.05 -4.13
C LEU A 115 -1.50 9.42 -5.51
N LEU A 116 -1.10 10.11 -6.58
CA LEU A 116 -1.31 9.56 -7.95
C LEU A 116 -0.52 8.27 -8.10
N ALA A 117 0.73 8.26 -7.62
CA ALA A 117 1.58 7.05 -7.72
C ALA A 117 0.93 5.90 -6.93
N ARG A 118 0.35 6.20 -5.77
CA ARG A 118 -0.27 5.13 -4.93
C ARG A 118 -1.54 4.61 -5.61
N ILE A 119 -2.32 5.50 -6.20
CA ILE A 119 -3.56 5.08 -6.93
C ILE A 119 -3.14 4.15 -8.09
N ARG A 120 -2.10 4.55 -8.83
CA ARG A 120 -1.66 3.71 -9.98
C ARG A 120 -1.18 2.35 -9.48
N ALA A 121 -0.45 2.32 -8.37
CA ALA A 121 0.08 1.04 -7.85
C ALA A 121 -1.08 0.13 -7.46
N LEU A 122 -2.13 0.70 -6.86
CA LEU A 122 -3.29 -0.13 -6.42
C LEU A 122 -4.05 -0.65 -7.66
N LEU A 123 -4.17 0.18 -8.68
CA LEU A 123 -4.92 -0.23 -9.90
C LEU A 123 -4.16 -1.34 -10.63
N ARG A 124 -2.84 -1.46 -10.44
CA ARG A 124 -2.08 -2.56 -11.08
C ARG A 124 -2.44 -3.91 -10.43
N ARG A 125 -2.91 -3.90 -9.17
CA ARG A 125 -3.25 -5.15 -8.41
C ARG A 125 -4.58 -5.73 -8.93
N THR A 126 -5.31 -5.00 -9.77
CA THR A 126 -6.62 -5.45 -10.31
C THR A 126 -6.41 -6.18 -11.64
N LYS B 7 2.02 -24.23 2.42
CA LYS B 7 0.78 -23.37 2.54
C LYS B 7 1.10 -22.08 3.31
N LEU B 8 2.26 -21.99 3.96
CA LEU B 8 2.66 -20.74 4.65
C LEU B 8 3.24 -19.77 3.63
N PRO B 9 2.77 -18.50 3.58
CA PRO B 9 3.32 -17.54 2.63
C PRO B 9 4.84 -17.38 2.85
N LYS B 10 5.59 -17.40 1.75
CA LYS B 10 7.06 -17.26 1.81
C LYS B 10 7.44 -15.79 1.58
N ILE B 11 8.11 -15.20 2.56
CA ILE B 11 8.58 -13.79 2.50
C ILE B 11 10.11 -13.75 2.38
N LEU B 12 10.63 -12.86 1.55
CA LEU B 12 12.09 -12.65 1.50
C LEU B 12 12.32 -11.21 1.96
N ILE B 13 13.08 -11.05 3.03
CA ILE B 13 13.45 -9.70 3.52
C ILE B 13 14.82 -9.37 2.93
N VAL B 14 14.86 -8.34 2.09
CA VAL B 14 16.14 -7.87 1.50
C VAL B 14 16.49 -6.60 2.28
N GLU B 15 17.46 -6.72 3.18
CA GLU B 15 17.85 -5.64 4.10
C GLU B 15 19.32 -5.84 4.48
N ASP B 16 20.13 -4.78 4.43
CA ASP B 16 21.58 -4.88 4.77
C ASP B 16 21.78 -4.70 6.28
N ASP B 17 20.80 -4.09 6.97
CA ASP B 17 20.87 -3.93 8.45
C ASP B 17 20.44 -5.28 9.05
N GLU B 18 21.43 -6.14 9.31
CA GLU B 18 21.26 -7.53 9.83
C GLU B 18 20.43 -7.54 11.12
N ARG B 19 20.76 -6.67 12.08
CA ARG B 19 20.00 -6.61 13.37
C ARG B 19 18.50 -6.47 13.08
N LEU B 20 18.10 -5.41 12.38
CA LEU B 20 16.66 -5.15 12.10
C LEU B 20 16.05 -6.32 11.32
N ALA B 21 16.78 -6.82 10.31
CA ALA B 21 16.28 -7.92 9.45
C ALA B 21 15.93 -9.15 10.30
N ARG B 22 16.77 -9.50 11.27
CA ARG B 22 16.53 -10.72 12.09
C ARG B 22 15.36 -10.48 13.06
N LEU B 23 15.29 -9.28 13.62
N LEU B 23 15.27 -9.29 13.66
CA LEU B 23 14.17 -8.90 14.54
CA LEU B 23 14.13 -8.99 14.56
C LEU B 23 12.84 -9.04 13.77
C LEU B 23 12.82 -9.08 13.76
N THR B 24 12.81 -8.54 12.53
CA THR B 24 11.60 -8.59 11.68
C THR B 24 11.29 -10.03 11.29
N GLN B 25 12.32 -10.79 10.89
CA GLN B 25 12.16 -12.21 10.48
C GLN B 25 11.51 -13.03 11.60
N GLU B 26 12.01 -12.85 12.84
N GLU B 26 11.98 -12.86 12.85
CA GLU B 26 11.50 -13.61 14.02
CA GLU B 26 11.45 -13.68 13.97
C GLU B 26 10.02 -13.27 14.27
C GLU B 26 10.00 -13.27 14.27
N TYR B 27 9.67 -11.97 14.20
CA TYR B 27 8.27 -11.54 14.45
C TYR B 27 7.36 -12.16 13.39
N LEU B 28 7.75 -12.09 12.12
CA LEU B 28 6.91 -12.61 11.00
C LEU B 28 6.79 -14.13 11.09
N ILE B 29 7.86 -14.83 11.46
CA ILE B 29 7.81 -16.32 11.59
C ILE B 29 6.81 -16.68 12.71
N ARG B 30 6.84 -15.95 13.82
CA ARG B 30 5.88 -16.20 14.93
C ARG B 30 4.44 -15.93 14.46
N ASN B 31 4.26 -15.31 13.28
CA ASN B 31 2.90 -14.94 12.81
C ASN B 31 2.51 -15.71 11.54
N GLY B 32 3.00 -16.94 11.41
CA GLY B 32 2.57 -17.84 10.32
C GLY B 32 3.22 -17.59 8.97
N LEU B 33 4.37 -16.91 8.95
CA LEU B 33 5.04 -16.70 7.63
C LEU B 33 6.37 -17.45 7.62
N GLU B 34 6.76 -17.96 6.45
CA GLU B 34 8.09 -18.59 6.22
C GLU B 34 8.99 -17.46 5.74
N VAL B 35 10.08 -17.15 6.47
CA VAL B 35 10.85 -15.92 6.11
C VAL B 35 12.35 -16.18 5.94
N GLY B 36 12.88 -15.68 4.83
CA GLY B 36 14.31 -15.73 4.49
C GLY B 36 14.89 -14.33 4.52
N VAL B 37 16.21 -14.21 4.65
CA VAL B 37 16.86 -12.87 4.68
C VAL B 37 17.99 -12.83 3.65
N GLU B 38 18.04 -11.74 2.87
CA GLU B 38 19.13 -11.51 1.89
C GLU B 38 19.70 -10.12 2.18
N THR B 39 21.02 -9.95 2.09
CA THR B 39 21.62 -8.63 2.44
C THR B 39 22.26 -7.99 1.21
N ASP B 40 22.21 -8.65 0.05
CA ASP B 40 22.87 -8.12 -1.19
C ASP B 40 21.88 -8.03 -2.34
N GLY B 41 21.85 -6.87 -3.01
CA GLY B 41 20.95 -6.61 -4.15
C GLY B 41 21.18 -7.55 -5.32
N ASN B 42 22.45 -7.75 -5.71
CA ASN B 42 22.78 -8.67 -6.83
C ASN B 42 22.27 -10.08 -6.50
N ARG B 43 22.63 -10.64 -5.35
CA ARG B 43 22.13 -11.99 -4.98
C ARG B 43 20.60 -11.95 -4.85
N ALA B 44 20.06 -10.83 -4.36
CA ALA B 44 18.59 -10.74 -4.20
C ALA B 44 17.91 -10.91 -5.57
N ILE B 45 18.46 -10.28 -6.62
CA ILE B 45 17.85 -10.40 -7.99
C ILE B 45 17.76 -11.88 -8.37
N ARG B 46 18.89 -12.62 -8.30
CA ARG B 46 18.87 -14.06 -8.71
C ARG B 46 17.96 -14.84 -7.78
N ARG B 47 18.07 -14.55 -6.47
CA ARG B 47 17.28 -15.29 -5.46
C ARG B 47 15.78 -15.08 -5.69
N ILE B 48 15.34 -13.82 -5.81
CA ILE B 48 13.89 -13.52 -6.04
C ILE B 48 13.40 -14.29 -7.28
N ILE B 49 14.16 -14.26 -8.37
CA ILE B 49 13.72 -14.94 -9.62
C ILE B 49 13.73 -16.47 -9.46
N SER B 50 14.75 -17.02 -8.80
N SER B 50 14.75 -17.02 -8.80
CA SER B 50 14.91 -18.48 -8.62
CA SER B 50 14.89 -18.49 -8.62
C SER B 50 13.90 -19.04 -7.60
C SER B 50 13.88 -19.04 -7.60
N GLU B 51 13.84 -18.45 -6.40
CA GLU B 51 12.98 -18.97 -5.29
C GLU B 51 11.53 -18.49 -5.41
N GLN B 52 11.27 -17.40 -6.16
CA GLN B 52 9.88 -16.92 -6.36
C GLN B 52 9.14 -16.83 -5.03
N PRO B 53 9.61 -16.03 -4.06
CA PRO B 53 8.90 -15.85 -2.80
C PRO B 53 7.50 -15.27 -3.09
N ASP B 54 6.57 -15.41 -2.14
CA ASP B 54 5.19 -14.88 -2.32
C ASP B 54 5.20 -13.35 -2.18
N LEU B 55 6.23 -12.79 -1.53
CA LEU B 55 6.32 -11.33 -1.33
C LEU B 55 7.75 -10.98 -0.92
N VAL B 56 8.22 -9.82 -1.39
CA VAL B 56 9.56 -9.28 -1.03
C VAL B 56 9.41 -7.99 -0.24
N VAL B 57 10.13 -7.92 0.88
CA VAL B 57 10.29 -6.69 1.67
C VAL B 57 11.65 -6.19 1.22
N LEU B 58 11.69 -5.02 0.57
CA LEU B 58 12.92 -4.58 -0.12
C LEU B 58 13.41 -3.23 0.38
N ASP B 59 14.62 -3.22 0.94
CA ASP B 59 15.27 -1.97 1.42
C ASP B 59 15.71 -1.19 0.17
N VAL B 60 15.77 0.13 0.28
CA VAL B 60 16.12 0.97 -0.90
C VAL B 60 17.63 0.93 -1.16
N MSE B 61 18.43 1.11 -0.11
CA MSE B 61 19.89 1.15 -0.22
C MSE B 61 20.50 -0.17 0.23
O MSE B 61 20.36 -0.57 1.38
CB MSE B 61 20.43 2.30 0.63
CG MSE B 61 20.21 3.68 0.04
SE MSE B 61 21.67 4.91 0.52
CE MSE B 61 23.43 4.09 0.20
N LEU B 62 21.21 -0.83 -0.69
CA LEU B 62 21.81 -2.13 -0.44
C LEU B 62 23.23 -2.20 -0.98
N PRO B 63 24.08 -3.11 -0.46
CA PRO B 63 25.38 -3.37 -1.06
C PRO B 63 25.02 -3.93 -2.44
N GLY B 64 25.78 -3.57 -3.47
CA GLY B 64 25.40 -4.03 -4.83
C GLY B 64 24.15 -3.29 -5.28
N ALA B 65 23.34 -3.94 -6.13
CA ALA B 65 22.13 -3.31 -6.72
C ALA B 65 21.24 -2.68 -5.62
N ASP B 66 20.84 -1.43 -5.83
CA ASP B 66 19.90 -0.75 -4.89
C ASP B 66 18.48 -1.24 -5.19
N GLY B 67 17.55 -0.93 -4.28
CA GLY B 67 16.14 -1.38 -4.36
C GLY B 67 15.50 -1.14 -5.72
N LEU B 68 15.65 0.07 -6.27
CA LEU B 68 15.05 0.39 -7.60
C LEU B 68 15.57 -0.58 -8.66
N THR B 69 16.89 -0.84 -8.64
CA THR B 69 17.48 -1.77 -9.64
C THR B 69 16.91 -3.17 -9.43
N VAL B 70 16.83 -3.62 -8.18
CA VAL B 70 16.27 -4.97 -7.90
C VAL B 70 14.86 -5.02 -8.48
N CYS B 71 14.06 -4.00 -8.18
CA CYS B 71 12.66 -3.99 -8.66
C CYS B 71 12.64 -4.08 -10.19
N ARG B 72 13.44 -3.26 -10.85
CA ARG B 72 13.49 -3.22 -12.34
C ARG B 72 13.89 -4.58 -12.94
N GLU B 73 14.88 -5.23 -12.33
CA GLU B 73 15.46 -6.49 -12.88
C GLU B 73 14.54 -7.70 -12.65
N VAL B 74 13.77 -7.71 -11.55
CA VAL B 74 12.96 -8.93 -11.25
C VAL B 74 11.57 -8.83 -11.88
N ARG B 75 11.02 -7.62 -12.05
CA ARG B 75 9.61 -7.44 -12.52
C ARG B 75 9.30 -8.28 -13.76
N PRO B 76 10.16 -8.33 -14.80
CA PRO B 76 9.86 -9.13 -15.99
C PRO B 76 9.76 -10.64 -15.73
N HIS B 77 10.25 -11.11 -14.57
CA HIS B 77 10.27 -12.56 -14.23
C HIS B 77 9.65 -12.82 -12.85
N TYR B 78 9.16 -11.78 -12.18
CA TYR B 78 8.60 -11.93 -10.81
C TYR B 78 7.35 -11.06 -10.74
N HIS B 79 6.18 -11.69 -10.56
CA HIS B 79 4.88 -10.96 -10.65
C HIS B 79 4.24 -10.80 -9.27
N GLN B 80 4.97 -11.12 -8.19
CA GLN B 80 4.38 -11.07 -6.83
C GLN B 80 4.66 -9.69 -6.21
N PRO B 81 3.97 -9.34 -5.11
CA PRO B 81 4.13 -8.02 -4.49
C PRO B 81 5.52 -7.68 -3.94
N ILE B 82 5.90 -6.42 -4.11
CA ILE B 82 7.17 -5.87 -3.56
C ILE B 82 6.85 -4.70 -2.64
N LEU B 83 7.22 -4.82 -1.36
CA LEU B 83 6.99 -3.77 -0.34
C LEU B 83 8.33 -3.13 -0.05
N MSE B 84 8.52 -1.85 -0.45
CA MSE B 84 9.77 -1.16 -0.22
C MSE B 84 9.76 -0.45 1.15
O MSE B 84 8.72 0.02 1.60
CB MSE B 84 10.07 -0.18 -1.35
CG MSE B 84 10.23 -0.86 -2.69
SE MSE B 84 11.05 0.32 -4.06
CE MSE B 84 12.96 0.10 -3.66
N LEU B 85 10.94 -0.42 1.80
CA LEU B 85 11.19 0.25 3.09
C LEU B 85 12.26 1.34 2.91
N THR B 86 12.08 2.49 3.54
CA THR B 86 13.10 3.57 3.42
C THR B 86 13.40 4.15 4.78
N ALA B 87 14.67 4.54 5.01
CA ALA B 87 15.13 5.16 6.27
C ALA B 87 14.98 6.68 6.21
N ARG B 88 14.50 7.22 5.08
CA ARG B 88 14.37 8.70 4.98
C ARG B 88 13.23 9.02 4.00
N THR B 89 12.21 9.72 4.47
CA THR B 89 11.00 10.06 3.66
C THR B 89 11.28 11.21 2.69
N GLU B 90 11.48 10.88 1.42
CA GLU B 90 11.65 11.87 0.32
C GLU B 90 10.61 11.52 -0.74
N ASP B 91 9.78 12.50 -1.15
CA ASP B 91 8.67 12.23 -2.11
C ASP B 91 9.17 11.65 -3.44
N MSE B 92 10.28 12.19 -3.99
CA MSE B 92 10.80 11.74 -5.27
C MSE B 92 11.08 10.24 -5.30
O MSE B 92 10.66 9.55 -6.23
CB MSE B 92 12.10 12.50 -5.59
CG MSE B 92 12.77 12.07 -6.89
SE MSE B 92 11.64 12.45 -8.45
CE MSE B 92 11.97 14.32 -8.85
N ASP B 93 11.77 9.73 -4.27
CA ASP B 93 12.13 8.32 -4.21
C ASP B 93 10.88 7.46 -4.04
N GLN B 94 9.89 7.97 -3.30
CA GLN B 94 8.63 7.23 -3.08
C GLN B 94 7.90 7.12 -4.44
N VAL B 95 7.77 8.23 -5.16
CA VAL B 95 7.08 8.17 -6.47
C VAL B 95 7.86 7.24 -7.41
N LEU B 96 9.19 7.35 -7.43
CA LEU B 96 9.97 6.50 -8.37
C LEU B 96 9.80 5.01 -8.02
N GLY B 97 9.87 4.67 -6.74
CA GLY B 97 9.73 3.26 -6.32
C GLY B 97 8.40 2.68 -6.76
N LEU B 98 7.30 3.39 -6.48
CA LEU B 98 5.95 2.93 -6.90
C LEU B 98 5.83 2.90 -8.42
N GLU B 99 6.31 3.94 -9.11
CA GLU B 99 6.14 3.93 -10.60
C GLU B 99 7.05 2.88 -11.24
N MSE B 100 8.10 2.45 -10.52
CA MSE B 100 9.01 1.44 -11.05
C MSE B 100 8.36 0.06 -10.97
O MSE B 100 8.79 -0.86 -11.65
CB MSE B 100 10.34 1.44 -10.29
CG MSE B 100 11.39 0.51 -10.86
SE MSE B 100 12.13 1.24 -12.54
CE MSE B 100 12.70 3.01 -11.91
N GLY B 101 7.32 -0.09 -10.13
CA GLY B 101 6.66 -1.37 -10.03
C GLY B 101 6.52 -1.87 -8.60
N ALA B 102 7.02 -1.14 -7.60
CA ALA B 102 6.80 -1.58 -6.19
C ALA B 102 5.30 -1.46 -5.86
N ASP B 103 4.81 -2.23 -4.88
CA ASP B 103 3.35 -2.23 -4.55
C ASP B 103 3.10 -1.35 -3.33
N ASP B 104 4.13 -1.10 -2.54
CA ASP B 104 4.01 -0.25 -1.34
C ASP B 104 5.39 0.32 -1.07
N TYR B 105 5.42 1.38 -0.28
CA TYR B 105 6.65 2.12 0.05
C TYR B 105 6.42 2.67 1.45
N VAL B 106 7.16 2.14 2.42
CA VAL B 106 6.95 2.43 3.87
C VAL B 106 8.22 3.01 4.47
N ALA B 107 8.05 4.04 5.31
CA ALA B 107 9.16 4.71 6.01
C ALA B 107 9.55 3.92 7.26
N LYS B 108 10.86 3.72 7.45
CA LYS B 108 11.37 3.07 8.69
C LYS B 108 11.48 4.17 9.75
N PRO B 109 11.31 3.87 11.05
CA PRO B 109 10.96 2.52 11.51
C PRO B 109 9.46 2.23 11.40
N VAL B 110 9.12 0.97 11.13
CA VAL B 110 7.69 0.57 11.04
C VAL B 110 7.39 -0.39 12.19
N GLN B 111 6.24 -0.21 12.85
N GLN B 111 6.24 -0.21 12.85
CA GLN B 111 5.83 -1.14 13.93
CA GLN B 111 5.83 -1.14 13.93
C GLN B 111 5.70 -2.53 13.32
C GLN B 111 5.69 -2.53 13.31
N PRO B 112 6.23 -3.59 13.96
CA PRO B 112 6.13 -4.94 13.41
C PRO B 112 4.71 -5.36 13.03
N ARG B 113 3.72 -5.00 13.86
CA ARG B 113 2.31 -5.40 13.56
C ARG B 113 1.82 -4.70 12.28
N VAL B 114 2.26 -3.47 12.04
CA VAL B 114 1.86 -2.70 10.82
C VAL B 114 2.49 -3.39 9.60
N LEU B 115 3.77 -3.75 9.71
CA LEU B 115 4.43 -4.44 8.58
C LEU B 115 3.64 -5.71 8.25
N LEU B 116 3.24 -6.48 9.26
CA LEU B 116 2.48 -7.75 9.02
C LEU B 116 1.16 -7.44 8.33
N ALA B 117 0.47 -6.37 8.77
CA ALA B 117 -0.84 -5.99 8.19
C ALA B 117 -0.67 -5.60 6.70
N ARG B 118 0.39 -4.88 6.39
CA ARG B 118 0.70 -4.46 4.99
C ARG B 118 1.07 -5.70 4.17
N ILE B 119 1.79 -6.65 4.78
CA ILE B 119 2.16 -7.88 4.03
C ILE B 119 0.87 -8.63 3.71
N ARG B 120 -0.01 -8.79 4.70
CA ARG B 120 -1.28 -9.52 4.48
C ARG B 120 -2.15 -8.78 3.46
N ALA B 121 -2.21 -7.44 3.51
CA ALA B 121 -3.01 -6.68 2.52
C ALA B 121 -2.50 -6.91 1.11
N LEU B 122 -1.17 -6.88 0.92
CA LEU B 122 -0.60 -7.09 -0.44
C LEU B 122 -0.89 -8.51 -0.94
N LEU B 123 -0.80 -9.51 -0.05
CA LEU B 123 -1.04 -10.91 -0.45
C LEU B 123 -2.50 -11.15 -0.82
N ARG B 124 -3.43 -10.34 -0.31
CA ARG B 124 -4.87 -10.53 -0.65
C ARG B 124 -5.10 -10.35 -2.16
N ARG B 125 -4.28 -9.54 -2.85
CA ARG B 125 -4.54 -9.37 -4.30
C ARG B 125 -3.47 -10.05 -5.16
N THR B 126 -3.20 -11.35 -4.93
CA THR B 126 -2.20 -12.11 -5.73
C THR B 126 -2.88 -13.27 -6.46
CA CA C . -12.63 13.98 7.84
CA CA D . -19.05 9.93 11.65
CL CL E . 17.73 -16.94 4.49
CA CA F . 20.17 -0.15 3.69
CA CA G . 24.33 -0.14 -3.67
#